data_7R7N
#
_entry.id   7R7N
#
loop_
_entity.id
_entity.type
_entity.pdbx_description
1 polymer 'S2D106 FAB heavy chain'
2 polymer 'Spike glycoprotein'
3 polymer 'S2D106 FAB light chain'
4 branched 2-acetamido-2-deoxy-beta-D-glucopyranose-(1-4)-[alpha-L-fucopyranose-(1-6)]2-acetamido-2-deoxy-beta-D-glucopyranose
#
loop_
_entity_poly.entity_id
_entity_poly.type
_entity_poly.pdbx_seq_one_letter_code
_entity_poly.pdbx_strand_id
1 'polypeptide(L)'
;EVQLVQSGAEVKKPGSSVKVSCKASGGPFSSSAISWVRQAPGQGLEWMGGIIPMVGTANYAQKFQGRVTITADESTSTAY
MELSSLRSEDTAVYYCARDSRYCSGGSCYSVWFDPWGQGTLVTVSS
;
H
2 'polypeptide(L)'
;MFVFLVLLPLVSSQCVNLTTRTQLPPAYTNSFTRGVYYPDKVFRSSVLHSTQDLFLPFFSNVTWFHAIHVSGTNGTKRFD
NPVLPFNDGVYFASTEKSNIIRGWIFGTTLDSKTQSLLIVNNATNVVIKVCEFQFCNDPFLGVYYHKNNKSWMESEFRVY
SSANNCTFEYVSQPFLMDLEGKQGNFKNLREFVFKNIDGYFKIYSKHTPINLVRDLPQGFSALEPLVDLPIGINITRFQT
LLALHRSYLTPGDSSSGWTAGAAAYYVGYLQPRTFLLKYNENGTITDAVDCALDPLSETKCTLKSFTVEKGIYQTSNFRV
QPTESIVRFPNITNLCPFGEVFNATRFASVYAWNRKRISNCVADYSVLYNSASFSTFKCYGVSPTKLNDLCFTNVYADSF
VIRGDEVRQIAPGQTGKIADYNYKLPDDFTGCVIAWNSNNLDSKVGGNYNYLYRLFRKSNLKPFERDISTEIYQAGSTPC
NGVEGFNCYFPLQSYGFQPTNGVGYQPYRVVVLSFELLHAPATVCGPKKSTNLVKNKCVNFNFNGLTGTGVLTESNKKFL
PFQQFGRDIADTTDAVRDPQTLEILDITPCSFGGVSVITPGTNTSNQVAVLYQDVNCTEVPVAIHADQLTPTWRVYSTGS
NVFQTRAGCLIGAEHVNNSYECDIPIGAGICASYQTQTNSPGSASSVASQSIIAYTMSLGAENSVAYSNNSIAIPTNFTI
SVTTEILPVSMTKTSVDCTMYICGDSTECSNLLLQYGSFCTQLNRALTGIAVEQDKNTQEVFAQVKQIYKTPPIKDFGGF
NFSQILPDPSKPSKRSPIEDLLFNKVTLADAGFIKQYGDCLGDIAARDLICAQKFNGLTVLPPLLTDEMIAQYTSALLAG
TITSGWTFGAGPALQIPFPMQMAYRFNGIGVTQNVLYENQKLIANQFNSAIGKIQDSLSSTPSALGKLQDVVNQNAQALN
TLVKQLSSNFGAISSVLNDILSRLDPPEAEVQIDRLITGRLQSLQTYVTQQLIRAAEIRASANLAATKMSECVLGQSKRV
DFCGKGYHLMSFPQSAPHGVVFLHVTYVPAQEKNFTTAPAICHDGKAHFPREGVFVSNGTHWFVTQRNFYEPQIITTDNT
FVSGNCDVVIGIVNNTVYDPLQPELDSFKEELDKYFKNHTSPDVDLGDISGINASVVNIQKEIDRLNEVAKNLNESLIDL
QELGKYEQGSGYIPEAPRDGQAYVRKDGEWVLLSTFLGRSLEVLFQGPGHHHHHHHHSAWSHPQFEKGGGSGGGGSGGSA
WSHPQFEK
;
E
3 'polypeptide(L)'
;DIQLTQSPSSLSASVGDRVTITCRASQSISSYLNWYQQKPGKAPKVLIYAASSLQSGVPSRFSGSGSGTDFTLTISSLQP
EDFATYYCQQSYSTPRTFGQGTKVEMK
;
L
#
loop_
_chem_comp.id
_chem_comp.type
_chem_comp.name
_chem_comp.formula
FUC L-saccharide, alpha linking alpha-L-fucopyranose 'C6 H12 O5'
NAG D-saccharide, beta linking 2-acetamido-2-deoxy-beta-D-glucopyranose 'C8 H15 N O6'
#
# COMPACT_ATOMS: atom_id res chain seq x y z
N VAL A 2 11.21 -9.18 3.83
CA VAL A 2 9.76 -9.36 3.97
C VAL A 2 9.41 -10.85 3.85
N GLN A 3 9.12 -11.49 4.99
CA GLN A 3 8.78 -12.91 5.05
C GLN A 3 7.44 -13.15 5.73
N LEU A 4 6.80 -14.26 5.36
CA LEU A 4 5.57 -14.68 6.00
C LEU A 4 5.77 -15.99 6.73
N VAL A 5 5.30 -16.05 7.97
CA VAL A 5 5.48 -17.25 8.78
C VAL A 5 4.15 -17.89 9.11
N GLN A 6 3.98 -19.14 8.70
CA GLN A 6 2.73 -19.85 8.92
C GLN A 6 2.83 -20.91 10.01
N SER A 7 1.68 -21.23 10.59
CA SER A 7 1.60 -22.26 11.62
C SER A 7 1.86 -23.66 11.05
N GLY A 8 2.13 -24.60 11.95
CA GLY A 8 2.46 -25.96 11.55
C GLY A 8 1.23 -26.80 11.19
N ALA A 9 1.49 -28.07 10.87
CA ALA A 9 0.48 -28.99 10.39
C ALA A 9 -0.54 -29.36 11.46
N GLU A 10 -1.76 -29.70 11.02
CA GLU A 10 -2.84 -30.19 11.89
C GLU A 10 -3.29 -31.58 11.43
N LYS A 19 -7.05 -23.20 14.07
CA LYS A 19 -6.89 -22.03 13.21
C LYS A 19 -5.51 -22.02 12.56
N VAL A 20 -5.44 -21.44 11.37
CA VAL A 20 -4.19 -21.28 10.62
C VAL A 20 -3.74 -19.82 10.64
N SER A 21 -2.55 -19.58 11.17
CA SER A 21 -2.05 -18.21 11.29
C SER A 21 -0.98 -17.92 10.25
N CYS A 22 -0.80 -16.63 9.94
CA CYS A 22 0.26 -16.13 9.08
C CYS A 22 0.77 -14.78 9.57
N LYS A 23 1.95 -14.81 10.18
CA LYS A 23 2.54 -13.61 10.76
C LYS A 23 3.42 -12.88 9.76
N ALA A 24 3.25 -11.58 9.66
CA ALA A 24 4.06 -10.77 8.77
C ALA A 24 5.29 -10.25 9.50
N SER A 25 6.45 -10.40 8.88
CA SER A 25 7.69 -9.89 9.44
C SER A 25 8.42 -9.03 8.43
N GLY A 26 8.28 -7.72 8.57
CA GLY A 26 8.85 -6.77 7.63
C GLY A 26 7.83 -6.45 6.54
N GLY A 27 8.00 -5.30 5.91
CA GLY A 27 7.10 -4.92 4.82
C GLY A 27 5.81 -4.34 5.37
N PRO A 28 4.91 -3.94 4.47
CA PRO A 28 3.59 -3.40 4.73
C PRO A 28 2.66 -4.50 5.21
N PHE A 29 1.62 -4.13 5.95
CA PHE A 29 0.64 -5.10 6.42
C PHE A 29 -0.78 -4.65 6.13
N SER A 30 -1.24 -3.63 6.84
CA SER A 30 -2.62 -3.21 6.72
C SER A 30 -2.92 -2.55 5.38
N SER A 31 -1.87 -2.14 4.69
CA SER A 31 -1.97 -1.47 3.40
C SER A 31 -2.06 -2.44 2.24
N SER A 32 -1.91 -3.73 2.53
CA SER A 32 -1.87 -4.75 1.48
C SER A 32 -2.70 -5.97 1.84
N ALA A 33 -3.58 -6.37 0.93
CA ALA A 33 -4.42 -7.51 1.22
C ALA A 33 -3.61 -8.77 1.40
N ILE A 34 -4.01 -9.59 2.36
CA ILE A 34 -3.41 -10.90 2.52
C ILE A 34 -4.42 -11.96 2.13
N SER A 35 -4.05 -12.78 1.16
CA SER A 35 -4.94 -13.78 0.64
C SER A 35 -4.51 -15.17 1.00
N TRP A 36 -5.46 -16.09 0.97
CA TRP A 36 -5.16 -17.49 1.16
C TRP A 36 -5.35 -18.25 -0.13
N VAL A 37 -4.43 -19.15 -0.40
CA VAL A 37 -4.47 -19.96 -1.61
C VAL A 37 -4.35 -21.43 -1.25
N ARG A 38 -5.27 -22.23 -1.76
CA ARG A 38 -5.25 -23.66 -1.47
C ARG A 38 -4.57 -24.44 -2.58
N GLN A 39 -3.78 -25.42 -2.19
CA GLN A 39 -3.19 -26.34 -3.15
C GLN A 39 -3.28 -27.78 -2.68
N ALA A 40 -4.30 -28.47 -3.12
CA ALA A 40 -4.42 -29.89 -2.77
C ALA A 40 -3.33 -30.64 -3.52
N PRO A 41 -2.81 -31.74 -2.97
CA PRO A 41 -1.81 -32.58 -3.57
C PRO A 41 -2.21 -32.98 -4.98
N GLY A 42 -1.32 -32.74 -5.94
CA GLY A 42 -1.57 -33.09 -7.32
C GLY A 42 -2.40 -32.05 -8.05
N GLN A 43 -2.79 -30.99 -7.35
CA GLN A 43 -3.65 -29.98 -7.95
C GLN A 43 -2.95 -28.64 -8.12
N GLY A 44 -3.66 -27.70 -8.75
CA GLY A 44 -3.14 -26.37 -8.98
C GLY A 44 -3.52 -25.44 -7.84
N LEU A 45 -3.49 -24.15 -8.08
CA LEU A 45 -3.74 -23.19 -7.02
C LEU A 45 -5.15 -22.62 -7.12
N GLU A 46 -5.81 -22.48 -5.98
CA GLU A 46 -7.13 -21.86 -5.92
C GLU A 46 -7.14 -20.69 -4.94
N TRP A 47 -7.57 -19.53 -5.42
CA TRP A 47 -7.72 -18.38 -4.53
C TRP A 47 -9.06 -18.46 -3.84
N MET A 48 -9.07 -18.38 -2.51
CA MET A 48 -10.31 -18.57 -1.77
C MET A 48 -10.83 -17.29 -1.16
N GLY A 49 -10.04 -16.23 -1.20
CA GLY A 49 -10.41 -14.98 -0.55
C GLY A 49 -9.21 -14.31 0.11
N GLY A 50 -9.44 -13.14 0.68
CA GLY A 50 -8.38 -12.37 1.33
C GLY A 50 -8.93 -11.11 1.97
N ILE A 51 -8.11 -10.49 2.82
CA ILE A 51 -8.54 -9.33 3.59
C ILE A 51 -7.49 -8.23 3.65
N ILE A 52 -7.95 -6.98 3.66
CA ILE A 52 -7.10 -5.85 3.96
C ILE A 52 -7.37 -5.42 5.38
N PRO A 53 -6.42 -5.60 6.31
CA PRO A 53 -6.56 -5.31 7.73
C PRO A 53 -7.04 -3.89 7.98
N MET A 54 -6.66 -2.97 7.09
CA MET A 54 -7.09 -1.58 7.21
C MET A 54 -8.59 -1.42 6.95
N VAL A 55 -9.16 -2.34 6.18
CA VAL A 55 -10.57 -2.31 5.87
C VAL A 55 -11.35 -3.08 6.91
N GLY A 56 -10.84 -4.25 7.28
CA GLY A 56 -11.46 -5.09 8.30
C GLY A 56 -12.47 -6.06 7.70
N THR A 57 -12.71 -5.95 6.39
CA THR A 57 -13.68 -6.81 5.73
C THR A 57 -13.00 -7.73 4.73
N ALA A 58 -13.26 -9.02 4.86
CA ALA A 58 -12.70 -10.00 3.96
C ALA A 58 -13.62 -10.26 2.77
N ASN A 59 -13.02 -10.51 1.62
CA ASN A 59 -13.76 -10.92 0.45
C ASN A 59 -13.49 -12.38 0.15
N TYR A 60 -14.49 -13.08 -0.34
CA TYR A 60 -14.36 -14.51 -0.55
C TYR A 60 -14.59 -14.91 -2.00
N ALA A 61 -13.89 -15.96 -2.42
CA ALA A 61 -14.04 -16.50 -3.76
C ALA A 61 -15.39 -17.16 -3.92
N GLN A 62 -16.01 -17.00 -5.09
CA GLN A 62 -17.32 -17.59 -5.39
C GLN A 62 -17.15 -18.85 -6.23
N ARG A 67 -18.11 -20.57 4.52
CA ARG A 67 -17.36 -21.83 4.50
C ARG A 67 -16.02 -21.69 5.24
N VAL A 68 -15.31 -20.60 4.96
CA VAL A 68 -14.03 -20.27 5.58
C VAL A 68 -14.08 -18.87 6.16
N THR A 69 -13.52 -18.68 7.35
CA THR A 69 -13.49 -17.35 7.93
C THR A 69 -12.11 -16.73 7.81
N ILE A 70 -12.05 -15.58 7.14
CA ILE A 70 -10.78 -14.88 6.94
C ILE A 70 -10.76 -13.57 7.71
N THR A 71 -9.76 -13.41 8.56
CA THR A 71 -9.62 -12.20 9.35
C THR A 71 -8.16 -11.79 9.50
N ALA A 72 -7.94 -10.65 10.13
CA ALA A 72 -6.60 -10.16 10.41
C ALA A 72 -6.64 -9.12 11.51
N ASP A 73 -5.52 -8.96 12.21
CA ASP A 73 -5.42 -7.92 13.24
C ASP A 73 -4.11 -7.16 13.14
N GLU A 74 -4.22 -5.89 12.77
CA GLU A 74 -3.06 -5.05 12.54
C GLU A 74 -2.15 -4.96 13.76
N SER A 75 -2.72 -5.01 14.95
CA SER A 75 -1.95 -4.78 16.17
C SER A 75 -0.86 -5.84 16.39
N THR A 76 -1.00 -6.99 15.76
CA THR A 76 0.00 -8.05 15.88
C THR A 76 0.60 -8.38 14.52
N SER A 77 0.24 -7.59 13.51
CA SER A 77 0.68 -7.82 12.14
C SER A 77 0.47 -9.28 11.75
N THR A 78 -0.68 -9.84 12.11
CA THR A 78 -0.93 -11.25 11.83
C THR A 78 -2.30 -11.49 11.19
N ALA A 79 -2.31 -12.37 10.20
CA ALA A 79 -3.53 -12.79 9.54
C ALA A 79 -3.96 -14.17 10.04
N TYR A 80 -5.26 -14.43 10.02
CA TYR A 80 -5.77 -15.72 10.47
C TYR A 80 -6.83 -16.29 9.53
N MET A 81 -6.89 -17.60 9.48
CA MET A 81 -7.93 -18.30 8.75
C MET A 81 -8.48 -19.46 9.58
N GLU A 82 -9.79 -19.45 9.82
CA GLU A 82 -10.38 -20.49 10.63
C GLU A 82 -11.10 -21.51 9.77
N LEU A 83 -10.76 -22.78 9.98
CA LEU A 83 -11.39 -23.89 9.29
C LEU A 83 -12.13 -24.75 10.29
N SER A 84 -13.31 -25.23 9.91
CA SER A 84 -14.10 -26.08 10.80
C SER A 84 -15.01 -27.04 10.03
N SER A 85 -15.44 -28.11 10.72
CA SER A 85 -16.37 -29.10 10.18
C SER A 85 -16.05 -29.50 8.74
N ARG A 87 -14.18 -31.13 5.49
CA ARG A 87 -14.33 -32.49 4.98
C ARG A 87 -12.97 -33.08 4.65
N SER A 88 -12.93 -34.40 4.38
CA SER A 88 -11.70 -35.08 4.00
C SER A 88 -11.20 -34.60 2.64
N GLU A 89 -12.12 -34.06 1.86
CA GLU A 89 -11.80 -33.56 0.53
C GLU A 89 -11.05 -32.24 0.59
N ASP A 90 -11.01 -31.64 1.77
CA ASP A 90 -10.37 -30.35 1.93
C ASP A 90 -8.91 -30.50 2.28
N THR A 91 -8.42 -31.74 2.34
CA THR A 91 -7.01 -31.95 2.65
C THR A 91 -6.16 -31.20 1.65
N ALA A 92 -5.31 -30.32 2.13
CA ALA A 92 -4.52 -29.49 1.24
C ALA A 92 -3.44 -28.73 1.97
N VAL A 93 -2.52 -28.17 1.20
CA VAL A 93 -1.56 -27.22 1.73
C VAL A 93 -2.09 -25.82 1.54
N TYR A 94 -2.13 -25.07 2.62
CA TYR A 94 -2.66 -23.72 2.55
C TYR A 94 -1.54 -22.70 2.64
N TYR A 95 -1.54 -21.76 1.71
CA TYR A 95 -0.54 -20.70 1.70
C TYR A 95 -1.16 -19.35 1.96
N CYS A 96 -0.40 -18.48 2.62
CA CYS A 96 -0.73 -17.05 2.72
C CYS A 96 0.21 -16.28 1.81
N ALA A 97 -0.31 -15.20 1.21
CA ALA A 97 0.53 -14.36 0.37
C ALA A 97 0.05 -12.91 0.39
N ARG A 98 0.98 -11.99 0.22
CA ARG A 98 0.67 -10.58 0.24
C ARG A 98 0.40 -10.06 -1.17
N ASP A 99 -0.64 -9.24 -1.29
CA ASP A 99 -1.08 -8.66 -2.55
C ASP A 99 -0.32 -7.38 -2.89
N SER A 100 0.57 -7.47 -3.88
CA SER A 100 1.41 -6.36 -4.29
C SER A 100 1.08 -5.93 -5.72
N ARG A 101 1.46 -4.71 -6.06
CA ARG A 101 1.18 -4.22 -7.41
C ARG A 101 2.29 -3.34 -7.95
N TYR A 102 2.52 -3.45 -9.26
CA TYR A 102 3.42 -2.53 -9.94
C TYR A 102 2.55 -1.46 -10.54
N CYS A 103 2.76 -0.22 -10.13
CA CYS A 103 1.82 0.85 -10.44
C CYS A 103 2.54 2.04 -11.06
N SER A 104 1.93 2.61 -12.09
CA SER A 104 2.43 3.79 -12.77
C SER A 104 1.44 4.94 -12.61
N GLY A 105 1.83 6.11 -13.07
CA GLY A 105 0.95 7.27 -12.99
C GLY A 105 -0.26 7.09 -13.88
N GLY A 106 -1.38 7.70 -13.48
CA GLY A 106 -2.60 7.66 -14.27
C GLY A 106 -3.32 6.33 -14.11
N SER A 107 -2.77 5.30 -14.73
CA SER A 107 -3.40 3.99 -14.78
C SER A 107 -2.53 2.89 -14.19
N CYS A 108 -3.05 2.25 -13.14
CA CYS A 108 -2.38 1.15 -12.46
C CYS A 108 -2.83 -0.14 -13.13
N TYR A 109 -1.88 -0.97 -13.60
CA TYR A 109 -2.26 -2.08 -14.46
C TYR A 109 -1.91 -3.50 -14.01
N SER A 110 -1.50 -3.71 -12.77
CA SER A 110 -1.15 -5.08 -12.41
C SER A 110 -1.28 -5.38 -10.93
N VAL A 111 -1.57 -6.65 -10.64
CA VAL A 111 -1.59 -7.16 -9.28
C VAL A 111 -1.05 -8.58 -9.27
N TRP A 112 -0.23 -8.92 -8.27
CA TRP A 112 0.21 -10.30 -8.11
C TRP A 112 0.56 -10.60 -6.65
N PHE A 113 0.86 -11.87 -6.37
CA PHE A 113 1.23 -12.28 -5.02
C PHE A 113 2.73 -12.40 -4.90
N ASP A 114 3.36 -11.52 -4.11
CA ASP A 114 4.83 -11.46 -4.06
C ASP A 114 5.48 -12.42 -3.06
N PRO A 115 5.33 -12.24 -1.74
CA PRO A 115 5.79 -13.14 -0.71
C PRO A 115 4.83 -14.30 -0.61
N TRP A 116 5.16 -15.27 0.23
CA TRP A 116 4.46 -16.53 0.32
C TRP A 116 5.07 -17.32 1.45
N GLY A 117 4.22 -17.80 2.35
CA GLY A 117 4.69 -18.50 3.54
C GLY A 117 5.10 -19.92 3.22
N GLN A 118 5.62 -20.61 4.22
CA GLN A 118 6.08 -21.98 4.04
C GLN A 118 4.95 -22.90 3.64
N GLY A 119 3.76 -22.63 4.16
CA GLY A 119 2.59 -23.44 3.86
C GLY A 119 2.18 -24.28 5.06
N THR A 120 0.89 -24.42 5.26
CA THR A 120 0.36 -25.19 6.38
C THR A 120 -0.32 -26.44 5.86
N LEU A 121 0.02 -27.58 6.44
CA LEU A 121 -0.55 -28.85 6.01
C LEU A 121 -1.76 -29.22 6.84
N VAL A 122 -2.91 -29.26 6.21
CA VAL A 122 -4.15 -29.54 6.92
C VAL A 122 -4.78 -30.83 6.42
N THR A 123 -5.00 -31.79 7.33
CA THR A 123 -5.64 -33.07 7.01
C THR A 123 -6.83 -33.30 7.91
N LEU B 335 0.04 28.67 28.73
CA LEU B 335 0.91 28.37 27.59
C LEU B 335 0.29 27.30 26.70
N CYS B 336 0.49 27.44 25.39
CA CYS B 336 -0.06 26.52 24.39
C CYS B 336 0.76 25.24 24.31
N PRO B 337 0.09 24.10 24.13
CA PRO B 337 0.65 22.75 24.06
C PRO B 337 1.33 22.49 22.73
N PHE B 338 2.39 23.25 22.45
CA PHE B 338 3.16 23.05 21.23
C PHE B 338 4.02 21.80 21.36
N GLY B 339 4.44 21.49 22.57
CA GLY B 339 5.27 20.31 22.81
C GLY B 339 4.56 19.05 22.35
N GLU B 340 3.25 19.03 22.49
CA GLU B 340 2.45 17.86 22.12
C GLU B 340 2.24 17.76 20.62
N VAL B 341 2.69 18.79 19.89
CA VAL B 341 2.55 18.81 18.44
C VAL B 341 3.89 18.53 17.78
N PHE B 342 4.92 19.23 18.22
CA PHE B 342 6.23 19.12 17.59
C PHE B 342 7.09 17.97 18.12
N ASN B 343 6.92 17.62 19.40
CA ASN B 343 7.67 16.53 20.04
C ASN B 343 6.77 15.31 20.26
N ALA B 344 5.74 15.16 19.41
CA ALA B 344 4.80 14.05 19.48
C ALA B 344 5.50 12.71 19.27
N THR B 345 5.05 11.70 19.99
CA THR B 345 5.64 10.37 19.87
C THR B 345 5.49 9.81 18.48
N ARG B 346 4.31 9.99 17.91
CA ARG B 346 4.04 9.50 16.57
C ARG B 346 3.22 10.49 15.77
N PHE B 347 3.41 10.47 14.46
CA PHE B 347 2.67 11.31 13.54
C PHE B 347 1.76 10.47 12.66
N ALA B 348 0.67 11.09 12.19
CA ALA B 348 -0.28 10.43 11.32
C ALA B 348 0.18 10.41 9.87
N SER B 349 -0.43 9.50 9.11
CA SER B 349 -0.24 9.45 7.67
C SER B 349 -0.86 10.67 7.03
N VAL B 350 -0.34 11.06 5.87
CA VAL B 350 -0.86 12.24 5.19
C VAL B 350 -2.28 12.04 4.69
N TYR B 351 -2.66 10.80 4.39
CA TYR B 351 -4.03 10.54 3.94
C TYR B 351 -5.03 10.77 5.07
N ALA B 352 -4.54 10.71 6.30
CA ALA B 352 -5.40 10.85 7.48
C ALA B 352 -4.72 11.74 8.50
N TRP B 353 -4.48 12.97 8.10
CA TRP B 353 -3.71 13.90 8.91
C TRP B 353 -4.44 14.25 10.20
N ASN B 354 -3.68 14.46 11.27
CA ASN B 354 -4.28 14.81 12.54
C ASN B 354 -4.53 16.29 12.62
N ARG B 355 -5.63 16.67 13.23
CA ARG B 355 -5.91 18.06 13.50
C ARG B 355 -6.17 18.31 14.97
N LYS B 356 -5.40 19.21 15.56
CA LYS B 356 -5.62 19.59 16.94
C LYS B 356 -5.94 21.07 17.04
N ARG B 357 -7.05 21.37 17.70
CA ARG B 357 -7.48 22.75 17.85
C ARG B 357 -6.88 23.35 19.10
N ILE B 358 -6.18 24.46 18.92
CA ILE B 358 -5.52 25.15 20.01
C ILE B 358 -6.35 26.34 20.44
N SER B 359 -6.58 26.45 21.74
CA SER B 359 -7.41 27.52 22.26
C SER B 359 -7.06 27.90 23.69
N ASN B 360 -7.46 29.11 24.08
CA ASN B 360 -7.35 29.59 25.46
C ASN B 360 -5.96 29.42 26.04
N CYS B 361 -4.94 29.96 25.37
CA CYS B 361 -3.55 29.81 25.79
C CYS B 361 -2.63 30.90 25.24
N VAL B 362 -1.42 30.95 25.79
CA VAL B 362 -0.39 31.88 25.33
C VAL B 362 0.61 31.17 24.43
N ALA B 363 0.82 31.71 23.24
CA ALA B 363 1.61 31.03 22.24
C ALA B 363 2.96 31.69 22.01
N ASP B 364 4.02 30.91 22.19
CA ASP B 364 5.37 31.38 21.91
C ASP B 364 5.80 30.92 20.52
N TYR B 365 5.95 31.86 19.60
CA TYR B 365 6.24 31.51 18.23
C TYR B 365 7.71 31.65 17.87
N SER B 366 8.38 32.66 18.42
CA SER B 366 9.77 32.89 18.05
C SER B 366 10.66 31.75 18.53
N VAL B 367 10.21 31.04 19.57
CA VAL B 367 10.93 29.88 20.06
C VAL B 367 11.02 28.82 18.99
N LEU B 368 10.09 28.81 18.06
CA LEU B 368 10.11 27.85 16.97
C LEU B 368 10.80 28.43 15.75
N TYR B 369 10.52 29.69 15.47
CA TYR B 369 11.06 30.33 14.28
C TYR B 369 12.58 30.31 14.27
N ASN B 370 13.18 30.60 15.42
CA ASN B 370 14.62 30.67 15.50
C ASN B 370 15.22 29.35 16.00
N SER B 371 14.43 28.29 15.97
CA SER B 371 14.91 26.98 16.39
C SER B 371 15.71 26.30 15.28
N ALA B 372 16.84 25.70 15.66
CA ALA B 372 17.70 25.04 14.71
C ALA B 372 17.17 23.67 14.32
N SER B 373 16.05 23.30 14.93
CA SER B 373 15.46 21.99 14.69
C SER B 373 14.71 21.92 13.38
N PHE B 374 14.42 23.06 12.78
CA PHE B 374 13.62 23.05 11.58
C PHE B 374 14.43 23.34 10.32
N SER B 375 14.08 22.68 9.23
CA SER B 375 14.76 22.93 7.95
C SER B 375 13.93 23.86 7.10
N THR B 376 12.62 23.79 7.27
CA THR B 376 11.69 24.62 6.51
C THR B 376 10.74 25.35 7.44
N PHE B 377 10.64 26.67 7.25
CA PHE B 377 9.71 27.47 8.02
C PHE B 377 9.19 28.58 7.13
N LYS B 378 8.08 28.34 6.45
CA LYS B 378 7.57 29.28 5.46
C LYS B 378 6.21 29.81 5.87
N CYS B 379 6.07 31.14 5.91
CA CYS B 379 4.83 31.79 6.34
C CYS B 379 4.13 32.49 5.18
N TYR B 380 2.82 32.41 5.19
CA TYR B 380 1.97 33.01 4.18
C TYR B 380 0.90 33.89 4.80
N GLY B 381 0.89 35.16 4.44
CA GLY B 381 -0.12 36.09 4.94
C GLY B 381 0.32 36.77 6.22
N VAL B 382 1.36 36.22 6.84
CA VAL B 382 1.88 36.78 8.08
C VAL B 382 3.39 36.87 8.04
N SER B 383 3.94 37.78 8.81
CA SER B 383 5.40 37.88 8.93
C SER B 383 5.86 37.08 10.16
N PRO B 384 6.80 36.15 9.99
CA PRO B 384 7.28 35.22 10.98
C PRO B 384 7.93 35.91 12.16
N THR B 385 8.32 37.16 11.96
CA THR B 385 9.01 37.91 13.00
C THR B 385 8.04 38.67 13.88
N LYS B 386 6.76 38.70 13.48
CA LYS B 386 5.76 39.43 14.24
C LYS B 386 4.80 38.48 14.93
N LEU B 387 5.06 37.18 14.81
CA LEU B 387 4.13 36.19 15.31
C LEU B 387 3.92 36.32 16.82
N ASN B 388 4.94 36.73 17.55
CA ASN B 388 4.79 36.87 19.00
C ASN B 388 3.84 37.99 19.38
N ASP B 389 3.69 38.99 18.52
CA ASP B 389 2.83 40.11 18.81
C ASP B 389 1.42 39.89 18.29
N LEU B 390 1.30 39.07 17.26
CA LEU B 390 0.00 38.79 16.68
C LEU B 390 -0.81 37.90 17.61
N CYS B 391 -2.14 38.11 17.59
CA CYS B 391 -3.09 37.26 18.32
C CYS B 391 -4.23 36.88 17.39
N PHE B 392 -4.76 35.69 17.58
CA PHE B 392 -5.70 35.10 16.65
C PHE B 392 -6.91 34.52 17.37
N THR B 393 -7.83 33.98 16.59
CA THR B 393 -8.95 33.27 17.16
C THR B 393 -8.59 31.79 17.29
N ASN B 394 -9.18 30.96 16.44
CA ASN B 394 -8.84 29.54 16.45
C ASN B 394 -7.53 29.29 15.74
N VAL B 395 -6.70 28.42 16.32
CA VAL B 395 -5.49 28.00 15.66
C VAL B 395 -5.47 26.49 15.50
N TYR B 396 -5.26 26.03 14.28
CA TYR B 396 -5.28 24.60 14.03
C TYR B 396 -3.92 24.08 13.61
N ALA B 397 -3.46 23.06 14.31
CA ALA B 397 -2.19 22.43 13.99
C ALA B 397 -2.43 21.10 13.29
N ASP B 398 -2.18 21.07 11.98
CA ASP B 398 -2.39 19.88 11.19
C ASP B 398 -1.07 19.16 10.94
N SER B 399 -0.97 17.92 11.40
CA SER B 399 0.32 17.22 11.34
C SER B 399 0.27 15.92 10.55
N PHE B 400 1.37 15.63 9.85
CA PHE B 400 1.50 14.42 9.05
C PHE B 400 2.94 14.18 8.58
N VAL B 401 3.19 12.98 8.03
CA VAL B 401 4.50 12.66 7.47
C VAL B 401 4.47 12.42 5.97
N ILE B 402 5.38 13.10 5.26
CA ILE B 402 5.53 12.97 3.80
C ILE B 402 6.99 12.85 3.39
N ARG B 403 7.23 12.55 2.12
CA ARG B 403 8.60 12.51 1.58
C ARG B 403 9.18 13.91 1.46
N GLY B 404 10.50 14.00 1.55
CA GLY B 404 11.18 15.29 1.38
C GLY B 404 10.82 15.95 0.05
N ASP B 405 10.68 15.15 -1.00
CA ASP B 405 10.37 15.66 -2.33
C ASP B 405 8.95 16.20 -2.42
N GLU B 406 8.11 15.82 -1.46
CA GLU B 406 6.72 16.21 -1.45
C GLU B 406 6.50 17.46 -0.61
N VAL B 407 7.54 17.93 0.06
CA VAL B 407 7.39 19.07 0.95
C VAL B 407 6.97 20.31 0.19
N ARG B 408 7.45 20.45 -1.03
CA ARG B 408 7.12 21.61 -1.84
C ARG B 408 5.64 21.67 -2.18
N GLN B 409 4.91 20.58 -1.99
CA GLN B 409 3.49 20.56 -2.34
C GLN B 409 2.63 21.15 -1.22
N ILE B 410 3.20 21.33 -0.04
CA ILE B 410 2.41 21.84 1.06
C ILE B 410 2.45 23.35 1.07
N ALA B 411 1.70 23.93 0.14
CA ALA B 411 1.63 25.38 -0.02
C ALA B 411 0.43 25.74 -0.87
N PRO B 412 -0.15 26.93 -0.68
CA PRO B 412 -1.24 27.47 -1.45
C PRO B 412 -0.81 27.65 -2.90
N GLY B 413 -1.70 27.27 -3.82
CA GLY B 413 -1.44 27.44 -5.25
C GLY B 413 -0.67 26.26 -5.85
N GLN B 414 -0.28 25.30 -5.02
CA GLN B 414 0.47 24.15 -5.52
C GLN B 414 -0.43 22.98 -5.87
N THR B 415 0.08 22.12 -6.74
CA THR B 415 -0.63 20.91 -7.14
C THR B 415 0.27 19.69 -7.01
N GLY B 416 -0.32 18.50 -7.13
CA GLY B 416 0.44 17.25 -7.02
C GLY B 416 -0.36 16.21 -6.25
N LYS B 417 0.14 14.99 -6.19
CA LYS B 417 -0.62 13.92 -5.56
C LYS B 417 -0.98 14.23 -4.11
N ILE B 418 -0.09 14.91 -3.41
CA ILE B 418 -0.37 15.21 -2.02
C ILE B 418 -1.29 16.42 -1.95
N ALA B 419 -0.98 17.44 -2.71
CA ALA B 419 -1.77 18.66 -2.70
C ALA B 419 -3.22 18.39 -3.13
N ASP B 420 -3.41 17.48 -4.08
CA ASP B 420 -4.72 17.24 -4.65
C ASP B 420 -5.52 16.12 -3.98
N TYR B 421 -4.86 15.07 -3.50
CA TYR B 421 -5.62 13.93 -3.00
C TYR B 421 -5.42 13.62 -1.53
N ASN B 422 -4.51 14.32 -0.86
CA ASN B 422 -4.26 14.01 0.54
C ASN B 422 -4.50 15.20 1.46
N TYR B 423 -3.87 16.32 1.14
CA TYR B 423 -3.98 17.50 1.97
C TYR B 423 -3.94 18.77 1.15
N LYS B 424 -5.11 19.36 0.95
CA LYS B 424 -5.23 20.55 0.13
C LYS B 424 -5.30 21.80 0.98
N LEU B 425 -4.46 22.77 0.68
CA LEU B 425 -4.55 24.06 1.32
C LEU B 425 -5.32 25.01 0.40
N PRO B 426 -6.08 25.94 0.97
CA PRO B 426 -6.79 26.98 0.27
C PRO B 426 -5.80 27.97 -0.32
N ASP B 427 -6.15 28.56 -1.46
CA ASP B 427 -5.25 29.49 -2.14
C ASP B 427 -5.07 30.77 -1.33
N ASP B 428 -6.01 31.03 -0.43
CA ASP B 428 -5.94 32.19 0.45
C ASP B 428 -5.51 31.79 1.87
N PHE B 429 -4.81 30.66 1.96
CA PHE B 429 -4.32 30.16 3.24
C PHE B 429 -3.55 31.19 4.02
N THR B 430 -3.84 31.26 5.31
CA THR B 430 -3.11 32.14 6.23
C THR B 430 -2.48 31.31 7.34
N GLY B 431 -1.17 31.43 7.48
CA GLY B 431 -0.46 30.67 8.49
C GLY B 431 0.95 30.28 8.06
N CYS B 432 1.54 29.31 8.75
CA CYS B 432 2.93 28.91 8.52
C CYS B 432 3.08 27.40 8.39
N VAL B 433 3.95 26.99 7.49
CA VAL B 433 4.26 25.58 7.29
C VAL B 433 5.65 25.26 7.82
N ILE B 434 5.70 24.36 8.79
CA ILE B 434 6.94 24.00 9.45
C ILE B 434 7.28 22.55 9.20
N ALA B 435 8.51 22.28 8.78
CA ALA B 435 8.89 20.90 8.52
C ALA B 435 10.35 20.65 8.89
N TRP B 436 10.63 19.39 9.23
CA TRP B 436 11.99 19.00 9.51
C TRP B 436 12.26 17.55 9.14
N ASN B 437 13.52 17.24 8.88
CA ASN B 437 13.93 15.90 8.53
C ASN B 437 13.78 14.99 9.72
N SER B 438 13.04 13.90 9.54
CA SER B 438 12.78 12.95 10.62
C SER B 438 13.33 11.58 10.28
N ASN B 439 14.32 11.55 9.40
CA ASN B 439 14.91 10.29 8.98
C ASN B 439 15.41 9.46 10.14
N ASN B 440 15.98 10.13 11.13
CA ASN B 440 16.55 9.44 12.28
C ASN B 440 15.49 9.10 13.32
N LEU B 441 14.24 9.44 13.03
CA LEU B 441 13.16 9.21 13.97
C LEU B 441 12.18 8.16 13.45
N ASP B 442 11.77 8.32 12.20
CA ASP B 442 10.73 7.47 11.63
C ASP B 442 11.26 6.34 10.76
N SER B 443 12.40 6.53 10.11
CA SER B 443 12.85 5.51 9.17
C SER B 443 13.23 4.22 9.89
N LYS B 444 12.92 3.10 9.27
CA LYS B 444 13.24 1.80 9.86
C LYS B 444 13.99 0.93 8.86
N VAL B 445 14.78 0.01 9.38
CA VAL B 445 15.46 -0.92 8.50
C VAL B 445 14.45 -1.91 7.94
N GLY B 446 14.39 -1.99 6.62
CA GLY B 446 13.40 -2.80 5.95
C GLY B 446 12.22 -1.95 5.48
N GLY B 447 12.13 -0.73 6.02
CA GLY B 447 11.10 0.22 5.64
C GLY B 447 10.00 0.40 6.68
N ASN B 448 9.66 1.65 6.95
CA ASN B 448 8.54 1.98 7.83
C ASN B 448 7.30 2.24 7.00
N TYR B 449 6.42 1.26 6.93
CA TYR B 449 5.29 1.31 6.00
C TYR B 449 4.01 1.72 6.71
N ASN B 450 4.16 2.40 7.84
CA ASN B 450 3.01 2.85 8.60
C ASN B 450 2.49 4.19 8.09
N TYR B 451 3.13 4.72 7.06
CA TYR B 451 2.72 5.99 6.49
C TYR B 451 2.17 5.83 5.08
N LEU B 452 0.93 6.27 4.90
CA LEU B 452 0.24 6.10 3.62
C LEU B 452 -0.23 7.40 3.01
N TYR B 453 -0.40 7.38 1.70
CA TYR B 453 -0.98 8.50 0.97
C TYR B 453 -1.90 7.98 -0.13
N ARG B 454 -2.83 8.81 -0.57
CA ARG B 454 -3.73 8.45 -1.66
C ARG B 454 -3.10 8.67 -3.01
N LEU B 455 -3.36 7.74 -3.93
CA LEU B 455 -2.98 7.87 -5.32
C LEU B 455 -4.20 8.21 -6.15
N PHE B 456 -5.36 7.69 -5.72
CA PHE B 456 -6.58 7.81 -6.51
C PHE B 456 -7.74 8.41 -5.74
N ARG B 457 -8.56 9.17 -6.45
CA ARG B 457 -9.82 9.66 -5.92
C ARG B 457 -10.70 10.12 -7.07
N LYS B 458 -12.01 10.16 -6.85
CA LYS B 458 -12.95 10.60 -7.87
C LYS B 458 -12.70 12.04 -8.29
N SER B 459 -12.30 12.86 -7.34
CA SER B 459 -12.04 14.28 -7.60
C SER B 459 -11.03 14.83 -6.61
N ASN B 460 -10.60 16.06 -6.85
CA ASN B 460 -9.64 16.71 -5.97
C ASN B 460 -10.30 17.11 -4.66
N LEU B 461 -9.49 17.21 -3.61
CA LEU B 461 -10.00 17.59 -2.29
C LEU B 461 -10.30 19.07 -2.20
N LYS B 462 -11.30 19.39 -1.37
CA LYS B 462 -11.56 20.75 -0.97
C LYS B 462 -10.58 21.11 0.15
N PRO B 463 -10.35 22.38 0.44
CA PRO B 463 -9.44 22.84 1.47
C PRO B 463 -9.72 22.15 2.80
N PHE B 464 -8.67 21.58 3.38
CA PHE B 464 -8.73 20.90 4.67
C PHE B 464 -9.73 19.75 4.72
N GLU B 465 -10.08 19.19 3.57
CA GLU B 465 -10.92 18.00 3.55
C GLU B 465 -10.08 16.77 3.89
N ARG B 466 -10.57 15.95 4.81
CA ARG B 466 -9.83 14.77 5.22
C ARG B 466 -10.59 13.49 4.90
N ASP B 467 -10.24 12.87 3.78
CA ASP B 467 -10.92 11.66 3.33
C ASP B 467 -10.19 10.43 3.83
N ILE B 468 -10.81 9.73 4.78
CA ILE B 468 -10.18 8.56 5.39
C ILE B 468 -10.95 7.28 5.10
N SER B 469 -11.74 7.31 4.03
CA SER B 469 -12.48 6.11 3.65
C SER B 469 -11.51 5.07 3.11
N THR B 470 -11.92 3.81 3.16
CA THR B 470 -11.07 2.73 2.68
C THR B 470 -11.74 1.94 1.57
N GLU B 471 -12.67 2.59 0.88
CA GLU B 471 -13.41 1.95 -0.20
C GLU B 471 -12.56 1.80 -1.44
N ILE B 472 -12.89 0.82 -2.27
CA ILE B 472 -12.18 0.60 -3.52
C ILE B 472 -12.62 1.62 -4.57
N TYR B 473 -11.65 2.25 -5.20
CA TYR B 473 -11.89 3.24 -6.23
C TYR B 473 -12.07 2.59 -7.58
N GLN B 474 -13.12 2.97 -8.29
CA GLN B 474 -13.35 2.43 -9.62
C GLN B 474 -13.00 3.46 -10.68
N ALA B 475 -12.28 3.02 -11.70
CA ALA B 475 -11.76 3.91 -12.72
C ALA B 475 -12.30 3.58 -14.11
N GLY B 476 -13.54 3.12 -14.17
CA GLY B 476 -14.14 2.78 -15.45
C GLY B 476 -15.59 2.36 -15.29
N SER B 477 -16.19 1.90 -16.37
CA SER B 477 -17.58 1.50 -16.37
C SER B 477 -17.80 0.18 -15.66
N THR B 478 -16.71 -0.56 -15.44
CA THR B 478 -16.78 -1.87 -14.81
C THR B 478 -16.90 -1.74 -13.29
N PRO B 479 -17.95 -2.33 -12.69
CA PRO B 479 -18.18 -2.43 -11.26
C PRO B 479 -17.07 -3.23 -10.61
N CYS B 480 -16.75 -2.90 -9.35
CA CYS B 480 -15.76 -3.63 -8.58
C CYS B 480 -16.41 -4.77 -7.80
N ASN B 481 -17.26 -4.40 -6.85
CA ASN B 481 -18.03 -5.38 -6.09
C ASN B 481 -17.15 -6.45 -5.48
N GLY B 482 -15.99 -6.05 -4.95
CA GLY B 482 -15.09 -7.03 -4.36
C GLY B 482 -13.64 -6.57 -4.39
N VAL B 483 -12.75 -7.54 -4.53
CA VAL B 483 -11.31 -7.32 -4.47
C VAL B 483 -10.80 -6.53 -5.67
N GLU B 484 -9.85 -5.63 -5.40
CA GLU B 484 -9.27 -4.76 -6.41
C GLU B 484 -8.65 -5.54 -7.56
N GLY B 485 -8.63 -4.90 -8.73
CA GLY B 485 -8.14 -5.51 -9.96
C GLY B 485 -8.21 -4.50 -11.10
N PHE B 486 -8.69 -4.93 -12.26
CA PHE B 486 -8.81 -4.04 -13.40
C PHE B 486 -9.78 -2.91 -13.13
N ASN B 487 -9.30 -1.68 -13.28
CA ASN B 487 -10.07 -0.48 -13.01
C ASN B 487 -10.68 -0.45 -11.61
N CYS B 488 -10.08 -1.17 -10.66
CA CYS B 488 -10.49 -1.19 -9.26
C CYS B 488 -9.25 -1.19 -8.40
N TYR B 489 -9.09 -0.15 -7.59
CA TYR B 489 -7.85 -0.03 -6.84
C TYR B 489 -8.07 0.34 -5.38
N PHE B 490 -7.20 -0.17 -4.53
CA PHE B 490 -7.13 0.35 -3.18
C PHE B 490 -6.36 1.67 -3.28
N PRO B 491 -7.01 2.79 -2.97
CA PRO B 491 -6.58 4.14 -3.29
C PRO B 491 -5.34 4.59 -2.52
N LEU B 492 -4.95 3.82 -1.50
CA LEU B 492 -3.80 4.17 -0.68
C LEU B 492 -2.56 3.37 -1.01
N GLN B 493 -1.40 3.99 -0.78
CA GLN B 493 -0.11 3.33 -0.91
C GLN B 493 0.82 3.74 0.22
N SER B 494 1.62 2.79 0.71
CA SER B 494 2.56 3.07 1.79
C SER B 494 3.89 3.58 1.26
N TYR B 495 4.63 4.27 2.13
CA TYR B 495 5.96 4.75 1.78
C TYR B 495 7.05 3.82 2.29
N GLY B 496 8.02 3.52 1.44
CA GLY B 496 9.16 2.71 1.85
C GLY B 496 10.23 3.56 2.52
N PHE B 497 9.91 4.12 3.69
CA PHE B 497 10.85 5.00 4.37
C PHE B 497 11.96 4.21 5.05
N GLN B 498 13.18 4.40 4.56
CA GLN B 498 14.34 3.66 5.03
C GLN B 498 15.52 4.59 5.29
N PRO B 499 16.40 4.24 6.22
CA PRO B 499 17.60 4.96 6.61
C PRO B 499 18.63 4.99 5.50
N THR B 500 18.41 4.19 4.46
CA THR B 500 19.33 4.13 3.33
C THR B 500 18.81 4.92 2.13
N ASN B 501 17.68 5.59 2.30
CA ASN B 501 17.09 6.38 1.23
C ASN B 501 17.83 7.70 1.02
N GLY B 502 17.76 8.21 -0.21
CA GLY B 502 18.27 9.55 -0.50
C GLY B 502 17.36 10.58 0.16
N VAL B 503 17.83 11.80 0.29
CA VAL B 503 17.09 12.81 1.04
C VAL B 503 15.67 13.01 0.56
N GLY B 504 15.48 13.02 -0.75
CA GLY B 504 14.15 13.25 -1.30
C GLY B 504 13.17 12.14 -0.92
N TYR B 505 13.72 10.99 -0.55
CA TYR B 505 12.91 9.84 -0.20
C TYR B 505 12.89 9.59 1.30
N GLN B 506 13.50 10.50 2.06
CA GLN B 506 13.47 10.41 3.50
C GLN B 506 12.18 11.06 3.98
N PRO B 507 11.64 10.61 5.11
CA PRO B 507 10.46 11.15 5.74
C PRO B 507 10.72 12.51 6.34
N TYR B 508 9.73 13.38 6.24
CA TYR B 508 9.75 14.67 6.89
C TYR B 508 8.49 14.85 7.71
N ARG B 509 8.65 15.39 8.90
CA ARG B 509 7.49 15.68 9.74
C ARG B 509 7.01 17.08 9.47
N VAL B 510 5.75 17.19 9.11
CA VAL B 510 5.20 18.46 8.70
C VAL B 510 4.08 18.89 9.62
N VAL B 511 4.18 20.12 10.12
CA VAL B 511 3.13 20.72 10.92
C VAL B 511 2.67 22.02 10.28
N VAL B 512 1.40 22.08 9.96
CA VAL B 512 0.85 23.29 9.35
C VAL B 512 0.01 24.04 10.35
N LEU B 513 0.37 25.29 10.59
CA LEU B 513 -0.36 26.11 11.55
C LEU B 513 -1.28 27.07 10.83
N SER B 514 -2.57 26.76 10.90
CA SER B 514 -3.60 27.56 10.25
C SER B 514 -4.21 28.54 11.24
N PHE B 515 -4.20 29.82 10.91
CA PHE B 515 -4.68 30.83 11.83
C PHE B 515 -5.92 31.54 11.34
N GLU B 516 -6.98 31.47 12.12
CA GLU B 516 -8.22 32.17 11.79
C GLU B 516 -8.22 33.57 12.41
N LEU B 517 -8.98 34.48 11.79
CA LEU B 517 -9.14 35.84 12.32
C LEU B 517 -10.38 36.49 11.71
N ALA B 522 -10.49 36.79 20.18
CA ALA B 522 -9.16 36.55 20.73
C ALA B 522 -9.17 35.32 21.62
N THR B 523 -8.53 34.24 21.14
CA THR B 523 -8.48 32.96 21.84
C THR B 523 -7.05 32.48 22.04
N VAL B 524 -6.29 32.45 20.94
CA VAL B 524 -4.86 32.11 21.03
C VAL B 524 -4.04 33.37 20.78
N CYS B 525 -3.22 33.76 21.77
CA CYS B 525 -2.53 35.04 21.74
C CYS B 525 -1.08 34.91 22.19
N GLY B 526 -0.16 35.57 21.50
CA GLY B 526 1.24 35.53 21.91
C GLY B 526 1.47 36.45 23.11
N PRO B 527 2.72 36.53 23.64
CA PRO B 527 3.10 37.31 24.80
C PRO B 527 3.28 38.78 24.45
N ILE C 2 -13.25 -15.34 -15.20
CA ILE C 2 -12.41 -15.56 -16.37
C ILE C 2 -11.41 -16.69 -16.10
N GLN C 3 -11.60 -17.82 -16.79
CA GLN C 3 -10.76 -19.01 -16.68
C GLN C 3 -9.53 -18.92 -17.58
N LEU C 4 -8.47 -19.58 -17.15
CA LEU C 4 -7.25 -19.67 -17.96
C LEU C 4 -7.04 -21.09 -18.47
N THR C 5 -6.55 -21.18 -19.69
CA THR C 5 -6.13 -22.45 -20.26
C THR C 5 -4.69 -22.36 -20.71
N GLN C 6 -3.84 -23.27 -20.25
CA GLN C 6 -2.43 -23.21 -20.64
C GLN C 6 -1.96 -24.53 -21.20
N SER C 7 -0.93 -24.47 -22.03
CA SER C 7 -0.40 -25.65 -22.69
C SER C 7 1.04 -25.42 -23.15
N PRO C 8 1.79 -26.51 -23.35
CA PRO C 8 1.48 -27.91 -23.09
C PRO C 8 1.50 -28.16 -21.60
N SER C 9 0.90 -29.27 -21.17
CA SER C 9 0.92 -29.62 -19.75
C SER C 9 2.29 -30.11 -19.31
N SER C 10 3.10 -30.57 -20.26
CA SER C 10 4.42 -31.10 -19.95
C SER C 10 5.40 -30.90 -21.10
N LEU C 11 6.64 -30.56 -20.76
CA LEU C 11 7.72 -30.34 -21.72
C LEU C 11 8.78 -31.42 -21.59
N ARG C 18 15.93 -24.37 -25.11
CA ARG C 18 14.92 -23.32 -25.09
C ARG C 18 13.52 -23.92 -25.18
N VAL C 19 12.65 -23.52 -24.26
CA VAL C 19 11.25 -23.95 -24.24
C VAL C 19 10.31 -22.77 -24.04
N THR C 20 9.06 -22.93 -24.45
CA THR C 20 8.05 -21.92 -24.21
C THR C 20 6.79 -22.51 -23.61
N ILE C 21 6.08 -21.71 -22.84
CA ILE C 21 4.79 -22.08 -22.26
C ILE C 21 3.76 -21.01 -22.60
N THR C 22 2.60 -21.43 -23.10
CA THR C 22 1.59 -20.43 -23.43
C THR C 22 0.38 -20.54 -22.52
N CYS C 23 -0.28 -19.41 -22.29
CA CYS C 23 -1.50 -19.34 -21.48
C CYS C 23 -2.49 -18.39 -22.14
N ARG C 24 -3.70 -18.88 -22.34
CA ARG C 24 -4.70 -18.10 -23.04
C ARG C 24 -5.90 -17.83 -22.14
N ALA C 25 -6.35 -16.59 -22.13
CA ALA C 25 -7.50 -16.20 -21.35
C ALA C 25 -8.77 -16.39 -22.17
N SER C 26 -9.82 -16.89 -21.54
CA SER C 26 -11.10 -17.06 -22.21
C SER C 26 -11.73 -15.69 -22.52
N GLN C 27 -11.25 -14.66 -21.82
CA GLN C 27 -11.68 -13.29 -22.01
C GLN C 27 -10.47 -12.38 -22.05
N SER C 28 -10.59 -11.24 -22.71
CA SER C 28 -9.50 -10.29 -22.69
C SER C 28 -9.23 -9.81 -21.27
N ILE C 29 -7.97 -9.87 -20.87
CA ILE C 29 -7.57 -9.44 -19.53
C ILE C 29 -6.47 -8.39 -19.55
N SER C 30 -6.41 -7.62 -20.63
CA SER C 30 -5.40 -6.57 -20.75
C SER C 30 -4.01 -7.11 -20.48
N SER C 31 -3.41 -6.68 -19.37
CA SER C 31 -2.07 -7.09 -18.99
C SER C 31 -2.02 -7.46 -17.52
N TYR C 32 -3.09 -8.04 -17.01
CA TYR C 32 -3.20 -8.38 -15.59
C TYR C 32 -2.81 -9.82 -15.26
N LEU C 33 -2.19 -10.54 -16.19
CA LEU C 33 -1.75 -11.87 -15.84
C LEU C 33 -0.33 -11.86 -15.30
N ASN C 34 0.04 -12.95 -14.64
CA ASN C 34 1.40 -13.11 -14.12
C ASN C 34 1.89 -14.52 -14.37
N TRP C 35 3.16 -14.77 -14.04
CA TRP C 35 3.73 -16.11 -14.11
C TRP C 35 4.52 -16.46 -12.86
N TYR C 36 4.41 -17.73 -12.44
CA TYR C 36 5.10 -18.24 -11.26
C TYR C 36 5.92 -19.49 -11.53
N GLN C 37 6.97 -19.68 -10.74
CA GLN C 37 7.75 -20.92 -10.76
C GLN C 37 7.70 -21.62 -9.42
N GLN C 38 7.18 -22.85 -9.39
CA GLN C 38 7.09 -23.61 -8.16
C GLN C 38 7.91 -24.88 -8.17
N LYS C 39 8.89 -24.94 -7.28
CA LYS C 39 9.69 -26.15 -7.14
C LYS C 39 8.96 -27.09 -6.19
N PRO C 40 9.20 -28.40 -6.28
CA PRO C 40 8.60 -29.42 -5.44
C PRO C 40 8.81 -29.12 -3.96
N GLY C 41 7.73 -29.13 -3.19
CA GLY C 41 7.80 -28.95 -1.75
C GLY C 41 7.98 -27.49 -1.33
N LYS C 42 7.92 -26.57 -2.27
CA LYS C 42 8.14 -25.16 -1.95
C LYS C 42 7.02 -24.25 -2.44
N ALA C 43 6.95 -23.07 -1.85
CA ALA C 43 6.03 -22.03 -2.31
C ALA C 43 6.48 -21.52 -3.68
N PRO C 44 5.55 -21.08 -4.53
CA PRO C 44 5.78 -20.49 -5.84
C PRO C 44 6.44 -19.12 -5.73
N LYS C 45 7.29 -18.81 -6.69
CA LYS C 45 7.93 -17.49 -6.76
C LYS C 45 7.51 -16.75 -8.01
N VAL C 46 7.55 -15.42 -7.94
CA VAL C 46 7.14 -14.57 -9.06
C VAL C 46 8.21 -14.48 -10.13
N LEU C 47 7.80 -14.70 -11.37
CA LEU C 47 8.70 -14.55 -12.51
C LEU C 47 8.40 -13.27 -13.25
N ILE C 48 7.17 -13.20 -13.78
CA ILE C 48 6.75 -12.10 -14.62
C ILE C 48 5.43 -11.53 -14.14
N TYR C 49 5.36 -10.21 -14.08
CA TYR C 49 4.13 -9.53 -13.72
C TYR C 49 3.78 -8.49 -14.76
N ALA C 50 2.52 -8.10 -14.80
CA ALA C 50 2.08 -7.12 -15.79
C ALA C 50 2.44 -7.60 -17.19
N ALA C 51 2.18 -8.88 -17.44
CA ALA C 51 2.39 -9.53 -18.74
C ALA C 51 3.86 -9.74 -19.10
N SER C 52 4.67 -8.68 -19.07
CA SER C 52 6.04 -8.78 -19.57
C SER C 52 7.14 -8.26 -18.63
N SER C 53 6.78 -7.75 -17.46
CA SER C 53 7.78 -7.16 -16.58
C SER C 53 8.42 -8.19 -15.66
N LEU C 54 9.76 -8.20 -15.63
CA LEU C 54 10.44 -9.16 -14.78
C LEU C 54 10.46 -8.73 -13.32
N GLN C 55 10.36 -9.71 -12.44
CA GLN C 55 10.54 -9.52 -11.01
C GLN C 55 12.02 -9.45 -10.69
N SER C 56 12.41 -8.47 -9.88
CA SER C 56 13.81 -8.37 -9.51
C SER C 56 14.30 -9.69 -8.94
N GLY C 57 15.47 -10.12 -9.37
CA GLY C 57 16.05 -11.37 -8.92
C GLY C 57 15.86 -12.48 -9.96
N VAL C 58 14.98 -12.25 -10.93
CA VAL C 58 14.75 -13.20 -11.99
C VAL C 58 15.81 -13.06 -13.09
N PRO C 59 16.52 -14.13 -13.44
CA PRO C 59 17.55 -14.19 -14.46
C PRO C 59 17.03 -13.71 -15.80
N SER C 60 17.93 -13.13 -16.61
CA SER C 60 17.59 -12.61 -17.93
C SER C 60 17.19 -13.73 -18.88
N ARG C 61 17.39 -14.97 -18.44
CA ARG C 61 16.99 -16.14 -19.21
C ARG C 61 15.47 -16.19 -19.35
N PHE C 62 14.77 -15.49 -18.46
CA PHE C 62 13.32 -15.49 -18.48
C PHE C 62 12.79 -14.23 -19.14
N SER C 63 11.80 -14.41 -19.99
CA SER C 63 11.13 -13.29 -20.66
C SER C 63 9.72 -13.70 -21.03
N GLY C 64 8.91 -12.73 -21.42
CA GLY C 64 7.55 -13.04 -21.86
C GLY C 64 6.85 -11.80 -22.39
N SER C 65 5.72 -12.02 -23.04
CA SER C 65 4.96 -10.94 -23.66
C SER C 65 3.56 -11.38 -24.01
N GLY C 66 2.75 -10.43 -24.47
CA GLY C 66 1.41 -10.71 -24.95
C GLY C 66 0.42 -9.69 -24.44
N SER C 67 -0.77 -9.69 -25.01
CA SER C 67 -1.81 -8.76 -24.61
C SER C 67 -3.19 -9.34 -24.88
N GLY C 68 -4.16 -8.92 -24.10
CA GLY C 68 -5.54 -9.30 -24.35
C GLY C 68 -5.81 -10.74 -23.93
N THR C 69 -5.61 -11.67 -24.84
CA THR C 69 -5.93 -13.07 -24.58
C THR C 69 -4.76 -14.03 -24.68
N ASP C 70 -3.76 -13.70 -25.49
CA ASP C 70 -2.71 -14.68 -25.80
C ASP C 70 -1.36 -14.26 -25.24
N PHE C 71 -0.88 -15.03 -24.26
CA PHE C 71 0.37 -14.68 -23.59
C PHE C 71 1.37 -15.83 -23.58
N THR C 72 2.67 -15.50 -23.65
CA THR C 72 3.71 -16.52 -23.67
C THR C 72 4.84 -16.26 -22.68
N LEU C 73 5.26 -17.33 -22.01
CA LEU C 73 6.44 -17.35 -21.17
C LEU C 73 7.58 -18.08 -21.88
N THR C 74 8.74 -17.45 -21.95
CA THR C 74 9.89 -18.04 -22.64
C THR C 74 11.08 -18.25 -21.71
N ILE C 75 11.64 -19.45 -21.77
CA ILE C 75 12.86 -19.77 -21.03
C ILE C 75 13.98 -20.08 -22.01
N SER C 76 14.97 -19.20 -22.08
CA SER C 76 16.03 -19.32 -23.09
C SER C 76 16.97 -20.51 -22.86
N SER C 77 17.10 -20.96 -21.61
CA SER C 77 17.96 -22.06 -21.22
C SER C 77 17.71 -22.43 -19.76
N ASP C 82 16.41 -25.48 -13.82
CA ASP C 82 15.09 -24.89 -13.58
C ASP C 82 13.96 -25.82 -14.04
N PHE C 83 14.00 -27.06 -13.56
CA PHE C 83 12.89 -28.00 -13.75
C PHE C 83 11.88 -27.83 -12.63
N ALA C 84 10.76 -27.22 -12.97
CA ALA C 84 9.76 -26.82 -12.00
C ALA C 84 8.41 -26.72 -12.68
N THR C 85 7.35 -26.55 -11.88
CA THR C 85 6.03 -26.38 -12.47
C THR C 85 5.70 -24.90 -12.57
N TYR C 86 5.35 -24.47 -13.76
CA TYR C 86 5.08 -23.06 -13.99
C TYR C 86 3.59 -22.81 -14.11
N TYR C 87 3.13 -21.73 -13.48
CA TYR C 87 1.71 -21.39 -13.49
C TYR C 87 1.48 -19.99 -14.02
N CYS C 88 0.32 -19.80 -14.67
CA CYS C 88 -0.16 -18.47 -15.04
C CYS C 88 -1.27 -18.05 -14.09
N GLN C 89 -1.36 -16.75 -13.82
CA GLN C 89 -2.32 -16.23 -12.85
C GLN C 89 -3.16 -15.11 -13.44
N GLN C 90 -4.44 -15.08 -13.06
CA GLN C 90 -5.36 -14.06 -13.52
C GLN C 90 -5.84 -13.17 -12.37
N SER C 91 -5.39 -11.91 -12.35
CA SER C 91 -5.81 -10.97 -11.31
C SER C 91 -6.65 -9.85 -11.88
N TYR C 92 -7.08 -10.02 -13.12
CA TYR C 92 -7.87 -9.02 -13.82
C TYR C 92 -9.20 -8.75 -13.14
N SER C 93 -9.91 -9.81 -12.79
CA SER C 93 -11.22 -9.66 -12.16
C SER C 93 -11.55 -10.81 -11.22
N THR C 94 -12.42 -10.52 -10.26
CA THR C 94 -12.91 -11.51 -9.30
C THR C 94 -13.83 -12.50 -10.00
N PRO C 95 -13.67 -13.80 -9.72
CA PRO C 95 -12.68 -14.45 -8.87
C PRO C 95 -11.32 -14.47 -9.53
N ARG C 96 -10.28 -14.44 -8.70
CA ARG C 96 -8.93 -14.64 -9.20
C ARG C 96 -8.70 -16.12 -9.43
N THR C 97 -7.99 -16.46 -10.48
CA THR C 97 -7.73 -17.87 -10.76
C THR C 97 -6.32 -18.15 -11.22
N PHE C 98 -6.03 -19.43 -11.41
CA PHE C 98 -4.72 -19.90 -11.82
C PHE C 98 -4.86 -20.94 -12.92
N GLY C 99 -3.80 -21.12 -13.71
CA GLY C 99 -3.79 -22.13 -14.75
C GLY C 99 -3.57 -23.51 -14.17
N GLN C 100 -3.45 -24.50 -15.05
CA GLN C 100 -3.33 -25.90 -14.64
C GLN C 100 -1.94 -26.23 -14.12
N GLY C 101 -0.92 -25.57 -14.67
CA GLY C 101 0.46 -25.84 -14.31
C GLY C 101 1.17 -26.64 -15.39
N THR C 102 2.35 -26.16 -15.78
CA THR C 102 3.15 -26.84 -16.81
C THR C 102 4.46 -27.35 -16.23
N LYS C 103 4.73 -28.63 -16.46
CA LYS C 103 5.94 -29.24 -15.91
C LYS C 103 7.08 -29.24 -16.92
N VAL C 104 8.23 -28.66 -16.53
CA VAL C 104 9.43 -28.64 -17.35
C VAL C 104 10.19 -29.96 -17.23
C1 NAG D . 10.87 19.82 21.53
C2 NAG D . 10.60 21.24 22.12
C3 NAG D . 11.86 22.09 21.94
C4 NAG D . 13.02 21.42 22.67
C5 NAG D . 13.21 20.00 22.08
C6 NAG D . 14.33 19.27 22.78
C7 NAG D . 8.43 22.25 22.02
C8 NAG D . 7.30 22.88 21.28
N2 NAG D . 9.50 21.84 21.38
O3 NAG D . 11.62 23.40 22.46
O4 NAG D . 14.23 22.18 22.44
O5 NAG D . 11.98 19.23 22.23
O6 NAG D . 14.15 19.27 24.19
O7 NAG D . 8.37 22.12 23.26
C1 NAG D . 14.74 22.85 23.68
C2 NAG D . 16.24 23.23 23.45
C3 NAG D . 16.77 23.92 24.72
C4 NAG D . 15.90 25.16 25.03
C5 NAG D . 14.45 24.72 25.22
C6 NAG D . 13.50 25.89 25.46
C7 NAG D . 17.41 21.70 21.97
C8 NAG D . 18.21 20.45 21.73
N2 NAG D . 17.03 22.02 23.20
O3 NAG D . 18.13 24.30 24.56
O4 NAG D . 16.38 25.79 26.20
O5 NAG D . 13.97 24.02 24.01
O6 NAG D . 12.29 25.45 26.08
O7 NAG D . 17.10 22.42 21.02
C1 FUC D . 14.70 18.04 24.81
C2 FUC D . 14.73 18.20 26.35
C3 FUC D . 13.29 18.29 26.86
C4 FUC D . 12.52 17.03 26.42
C5 FUC D . 12.55 16.94 24.88
C6 FUC D . 11.84 15.69 24.37
O2 FUC D . 15.45 19.38 26.69
O3 FUC D . 13.28 18.42 28.30
O4 FUC D . 13.10 15.87 27.01
O5 FUC D . 13.96 16.87 24.42
#